data_3EC4
#
_entry.id   3EC4
#
_cell.length_a   44.523
_cell.length_b   63.984
_cell.length_c   143.149
_cell.angle_alpha   90.000
_cell.angle_beta   90.000
_cell.angle_gamma   90.000
#
_symmetry.space_group_name_H-M   'P 21 21 21'
#
loop_
_entity.id
_entity.type
_entity.pdbx_description
1 polymer 'Putative Acetyltransferase from the GNAT family'
2 non-polymer 'ACETATE ION'
3 water water
#
_entity_poly.entity_id   1
_entity_poly.type   'polypeptide(L)'
_entity_poly.pdbx_seq_one_letter_code
;G(MSE)SEDHPLDRPVWNSLGGPQSELDVASGNLRRLDPAYGPFAAAAPGAEAGLASLLQGDADEIWLVEPEPVAPPPGT
RVIRVAPLLQ(MSE)IADGPVPSFDDPGIVALGETDVPE(MSE)TALALATEPGPWASGTWRYGQFYGVRIDGRLAA
(MSE)AGER(MSE)RPAPNLAEVSGVCTWPEYRGRGLAARLIRKVIAG(MSE)AARGEVPYLHSYASNASAIRLYESLGF
RARRA(MSE)TATLLGKST
;
_entity_poly.pdbx_strand_id   A,B
#
# COMPACT_ATOMS: atom_id res chain seq x y z
N ASP A 5 18.47 -14.61 -25.91
CA ASP A 5 18.47 -14.38 -24.44
C ASP A 5 17.32 -15.17 -23.80
N HIS A 6 17.25 -15.19 -22.48
CA HIS A 6 16.22 -15.92 -21.75
C HIS A 6 14.87 -15.19 -21.85
N PRO A 7 13.74 -15.94 -21.93
CA PRO A 7 12.42 -15.30 -21.88
C PRO A 7 12.22 -14.37 -20.72
N LEU A 8 12.83 -14.68 -19.57
CA LEU A 8 12.67 -13.83 -18.39
C LEU A 8 13.50 -12.53 -18.44
N ASP A 9 14.38 -12.39 -19.41
CA ASP A 9 15.10 -11.11 -19.56
C ASP A 9 14.21 -9.95 -19.98
N ARG A 10 13.11 -10.27 -20.65
CA ARG A 10 12.17 -9.24 -21.06
C ARG A 10 10.76 -9.77 -20.85
N PRO A 11 10.33 -9.84 -19.57
CA PRO A 11 9.10 -10.59 -19.26
C PRO A 11 7.83 -9.94 -19.81
N VAL A 12 7.80 -8.62 -19.90
CA VAL A 12 6.65 -7.93 -20.49
C VAL A 12 6.60 -8.15 -22.00
N TRP A 13 7.71 -7.86 -22.66
CA TRP A 13 7.84 -8.04 -24.08
C TRP A 13 7.47 -9.46 -24.47
N ASN A 14 8.08 -10.40 -23.76
CA ASN A 14 7.96 -11.78 -24.17
C ASN A 14 6.59 -12.38 -23.86
N SER A 15 6.00 -11.99 -22.74
CA SER A 15 4.65 -12.49 -22.41
C SER A 15 3.63 -11.98 -23.42
N LEU A 16 3.73 -10.70 -23.76
CA LEU A 16 2.78 -10.07 -24.69
C LEU A 16 2.96 -10.46 -26.15
N GLY A 17 4.14 -10.96 -26.50
CA GLY A 17 4.37 -11.58 -27.80
C GLY A 17 4.20 -13.09 -27.84
N GLY A 18 4.08 -13.68 -26.65
CA GLY A 18 4.01 -15.13 -26.46
C GLY A 18 2.67 -15.57 -25.93
N PRO A 19 2.66 -16.39 -24.83
CA PRO A 19 1.42 -16.93 -24.31
C PRO A 19 0.29 -15.91 -24.09
N GLN A 20 0.62 -14.64 -23.73
CA GLN A 20 -0.41 -13.64 -23.49
C GLN A 20 -0.62 -12.60 -24.60
N SER A 21 -0.37 -13.04 -25.83
CA SER A 21 -0.46 -12.16 -26.97
C SER A 21 -1.88 -11.58 -27.15
N GLU A 22 -2.91 -12.29 -26.71
CA GLU A 22 -4.31 -11.76 -26.76
C GLU A 22 -4.55 -10.57 -25.82
N LEU A 23 -3.67 -10.39 -24.84
CA LEU A 23 -3.70 -9.24 -23.92
C LEU A 23 -3.01 -7.98 -24.46
N ASP A 24 -2.33 -8.08 -25.60
CA ASP A 24 -1.57 -6.95 -26.15
C ASP A 24 -2.60 -6.05 -26.89
N VAL A 25 -2.62 -4.77 -26.58
CA VAL A 25 -3.53 -3.85 -27.27
C VAL A 25 -2.82 -2.91 -28.27
N ALA A 26 -1.49 -3.02 -28.38
CA ALA A 26 -0.68 -2.20 -29.26
C ALA A 26 -0.42 -3.00 -30.54
N SER A 27 0.53 -2.53 -31.33
CA SER A 27 0.83 -3.16 -32.61
C SER A 27 2.27 -2.84 -32.95
N GLY A 28 2.81 -3.62 -33.87
CA GLY A 28 4.10 -3.33 -34.47
C GLY A 28 5.21 -3.54 -33.48
N ASN A 29 6.03 -2.50 -33.29
CA ASN A 29 7.16 -2.61 -32.39
C ASN A 29 6.87 -2.14 -30.98
N LEU A 30 5.58 -1.99 -30.66
CA LEU A 30 5.18 -1.69 -29.29
C LEU A 30 4.25 -2.76 -28.83
N ARG A 31 4.41 -3.12 -27.56
CA ARG A 31 3.48 -4.03 -26.90
C ARG A 31 2.98 -3.38 -25.63
N ARG A 32 1.66 -3.42 -25.46
CA ARG A 32 1.00 -2.77 -24.31
C ARG A 32 -0.03 -3.69 -23.73
N LEU A 33 0.09 -3.99 -22.45
CA LEU A 33 -0.88 -4.84 -21.79
C LEU A 33 -2.22 -4.09 -21.80
N ASP A 34 -3.28 -4.84 -22.06
CA ASP A 34 -4.62 -4.28 -21.89
C ASP A 34 -4.66 -3.58 -20.52
N PRO A 35 -4.96 -2.27 -20.49
CA PRO A 35 -5.05 -1.54 -19.22
C PRO A 35 -6.00 -2.11 -18.17
N ALA A 36 -6.97 -2.93 -18.57
CA ALA A 36 -7.84 -3.60 -17.62
C ALA A 36 -7.05 -4.58 -16.77
N TYR A 37 -6.00 -5.13 -17.36
CA TYR A 37 -5.11 -6.06 -16.67
C TYR A 37 -3.98 -5.39 -15.92
N GLY A 38 -3.39 -4.32 -16.48
CA GLY A 38 -2.27 -3.71 -15.78
C GLY A 38 -1.58 -2.67 -16.63
N PRO A 39 -0.56 -2.01 -16.05
CA PRO A 39 0.04 -0.85 -16.70
C PRO A 39 1.31 -1.11 -17.56
N PHE A 40 1.55 -2.36 -17.91
CA PHE A 40 2.87 -2.77 -18.40
C PHE A 40 2.98 -2.54 -19.93
N ALA A 41 4.18 -2.18 -20.36
CA ALA A 41 4.46 -2.00 -21.81
C ALA A 41 5.92 -2.29 -22.09
N ALA A 42 6.24 -2.48 -23.38
CA ALA A 42 7.59 -2.77 -23.81
C ALA A 42 7.73 -2.36 -25.27
N ALA A 43 8.95 -2.02 -25.65
CA ALA A 43 9.29 -1.62 -27.04
C ALA A 43 10.34 -2.55 -27.65
N ALA A 44 10.31 -2.69 -28.97
CA ALA A 44 11.36 -3.43 -29.65
C ALA A 44 12.66 -2.71 -29.40
N PRO A 45 13.79 -3.43 -29.35
CA PRO A 45 15.06 -2.71 -29.30
C PRO A 45 15.14 -1.68 -30.44
N GLY A 46 15.56 -0.46 -30.13
CA GLY A 46 15.62 0.61 -31.11
C GLY A 46 14.36 1.43 -31.31
N ALA A 47 13.22 0.90 -30.86
CA ALA A 47 11.91 1.51 -31.09
C ALA A 47 11.30 2.22 -29.86
N GLU A 48 12.15 2.52 -28.89
CA GLU A 48 11.75 3.13 -27.60
C GLU A 48 11.09 4.50 -27.75
N ALA A 49 11.39 5.24 -28.83
CA ALA A 49 10.72 6.54 -29.04
C ALA A 49 9.21 6.38 -29.08
N GLY A 50 8.74 5.25 -29.60
CA GLY A 50 7.31 4.97 -29.68
C GLY A 50 6.58 4.83 -28.36
N LEU A 51 7.31 4.67 -27.26
CA LEU A 51 6.68 4.52 -25.94
C LEU A 51 5.86 5.76 -25.61
N ALA A 52 6.28 6.94 -26.08
CA ALA A 52 5.56 8.17 -25.83
C ALA A 52 4.17 8.11 -26.43
N SER A 53 4.04 7.43 -27.56
CA SER A 53 2.76 7.27 -28.25
C SER A 53 1.75 6.49 -27.42
N LEU A 54 2.20 5.72 -26.41
CA LEU A 54 1.29 5.02 -25.51
C LEU A 54 0.81 5.89 -24.36
N LEU A 55 1.29 7.14 -24.26
CA LEU A 55 0.97 8.05 -23.13
C LEU A 55 0.22 9.34 -23.56
N GLN A 56 -1.10 9.27 -23.70
CA GLN A 56 -1.87 10.45 -24.13
C GLN A 56 -2.43 11.41 -23.06
N GLY A 57 -3.28 10.90 -22.18
CA GLY A 57 -3.79 11.72 -21.09
C GLY A 57 -2.65 12.25 -20.20
N ASP A 58 -2.81 13.45 -19.67
CA ASP A 58 -1.77 14.08 -18.86
C ASP A 58 -1.23 13.14 -17.78
N ALA A 59 -2.10 12.30 -17.24
CA ALA A 59 -1.75 11.48 -16.09
C ALA A 59 -1.47 10.02 -16.45
N ASP A 60 -1.40 9.71 -17.75
CA ASP A 60 -1.10 8.34 -18.14
C ASP A 60 0.31 7.92 -17.72
N GLU A 61 0.46 6.65 -17.41
CA GLU A 61 1.80 6.13 -17.11
C GLU A 61 1.92 4.69 -17.57
N ILE A 62 3.15 4.23 -17.76
CA ILE A 62 3.40 2.84 -18.11
C ILE A 62 4.59 2.32 -17.31
N TRP A 63 4.49 1.07 -16.91
CA TRP A 63 5.57 0.37 -16.26
C TRP A 63 6.23 -0.53 -17.26
N LEU A 64 7.56 -0.47 -17.23
CA LEU A 64 8.45 -1.34 -17.99
C LEU A 64 9.33 -2.18 -17.05
N VAL A 65 9.55 -3.42 -17.43
CA VAL A 65 10.34 -4.40 -16.64
C VAL A 65 11.40 -4.92 -17.61
N GLU A 66 12.63 -4.45 -17.41
CA GLU A 66 13.75 -4.71 -18.31
C GLU A 66 15.00 -4.96 -17.52
N PRO A 67 16.07 -5.44 -18.17
CA PRO A 67 17.30 -5.59 -17.36
C PRO A 67 17.84 -4.25 -16.77
N GLU A 68 17.78 -3.16 -17.55
CA GLU A 68 18.31 -1.87 -17.13
C GLU A 68 17.19 -0.80 -17.08
N PRO A 69 17.45 0.35 -16.39
CA PRO A 69 16.52 1.44 -16.50
C PRO A 69 16.24 1.76 -17.97
N VAL A 70 14.98 2.07 -18.27
CA VAL A 70 14.62 2.63 -19.57
C VAL A 70 14.75 4.16 -19.54
N ALA A 71 15.50 4.71 -20.50
CA ALA A 71 15.63 6.16 -20.68
C ALA A 71 14.28 6.79 -21.13
N PRO A 72 13.92 7.94 -20.57
CA PRO A 72 12.67 8.55 -21.04
C PRO A 72 12.80 9.10 -22.45
N PRO A 73 12.09 8.52 -23.45
CA PRO A 73 12.21 9.20 -24.74
C PRO A 73 11.45 10.50 -24.77
N PRO A 74 11.68 11.29 -25.82
CA PRO A 74 10.97 12.55 -25.96
C PRO A 74 9.46 12.43 -25.71
N GLY A 75 8.94 13.32 -24.88
CA GLY A 75 7.50 13.33 -24.59
C GLY A 75 7.19 12.57 -23.33
N THR A 76 8.25 12.07 -22.67
CA THR A 76 8.10 11.29 -21.45
C THR A 76 9.05 11.76 -20.34
N ARG A 77 8.73 11.34 -19.13
CA ARG A 77 9.58 11.57 -17.96
C ARG A 77 9.62 10.33 -17.09
N VAL A 78 10.73 10.12 -16.38
CA VAL A 78 10.79 9.02 -15.42
C VAL A 78 10.10 9.44 -14.14
N ILE A 79 9.15 8.66 -13.68
CA ILE A 79 8.44 8.93 -12.39
C ILE A 79 9.10 8.12 -11.26
N ARG A 80 9.34 6.84 -11.53
CA ARG A 80 10.02 5.94 -10.61
C ARG A 80 10.99 4.99 -11.31
N VAL A 81 12.04 4.58 -10.58
CA VAL A 81 12.95 3.52 -11.00
CA VAL A 81 12.95 3.54 -11.02
C VAL A 81 13.25 2.61 -9.83
N ALA A 82 12.84 1.36 -9.95
CA ALA A 82 12.86 0.39 -8.89
C ALA A 82 13.78 -0.81 -9.21
N PRO A 83 14.93 -0.92 -8.56
CA PRO A 83 15.74 -2.11 -8.68
C PRO A 83 14.97 -3.33 -8.17
N LEU A 84 14.98 -4.37 -8.99
CA LEU A 84 14.35 -5.65 -8.65
C LEU A 84 15.35 -6.79 -8.57
N LEU A 85 14.97 -7.85 -7.84
CA LEU A 85 15.69 -9.11 -7.90
C LEU A 85 14.68 -10.07 -8.50
N GLN A 86 15.01 -10.61 -9.66
CA GLN A 86 14.17 -11.66 -10.26
C GLN A 86 14.58 -13.03 -9.77
N ILE A 88 13.58 -17.48 -9.42
CA ILE A 88 13.02 -18.62 -10.11
C ILE A 88 12.93 -19.80 -9.18
N ALA A 89 11.84 -20.56 -9.30
CA ALA A 89 11.70 -21.77 -8.52
C ALA A 89 11.75 -22.99 -9.46
N ASP A 90 12.96 -23.39 -9.86
CA ASP A 90 13.07 -24.47 -10.84
C ASP A 90 13.44 -25.81 -10.24
N GLY A 91 13.41 -25.90 -8.92
CA GLY A 91 13.54 -27.18 -8.20
C GLY A 91 12.18 -27.77 -7.88
N PRO A 92 12.13 -28.96 -7.31
CA PRO A 92 10.84 -29.62 -7.08
C PRO A 92 9.95 -28.91 -5.99
N VAL A 93 8.63 -28.83 -6.17
CA VAL A 93 7.77 -28.18 -5.14
C VAL A 93 7.42 -29.33 -4.12
N PRO A 94 7.85 -29.23 -2.84
CA PRO A 94 7.41 -30.28 -1.91
C PRO A 94 5.92 -30.19 -1.79
N SER A 95 5.22 -31.30 -1.77
CA SER A 95 3.75 -31.19 -1.70
C SER A 95 3.35 -30.70 -0.30
N PHE A 96 2.28 -29.88 -0.25
CA PHE A 96 1.80 -29.26 0.98
C PHE A 96 0.31 -29.08 0.79
N ASP A 97 -0.47 -29.91 1.49
CA ASP A 97 -1.92 -29.93 1.44
C ASP A 97 -2.45 -28.94 2.44
N ASP A 98 -3.17 -27.93 1.95
CA ASP A 98 -3.61 -26.83 2.79
C ASP A 98 -5.07 -26.47 2.45
N PRO A 99 -6.05 -27.19 3.04
CA PRO A 99 -7.43 -26.95 2.64
C PRO A 99 -8.02 -25.60 3.05
N GLY A 100 -7.39 -24.89 3.99
CA GLY A 100 -7.76 -23.51 4.32
C GLY A 100 -7.54 -22.51 3.18
N ILE A 101 -6.82 -22.89 2.14
CA ILE A 101 -6.63 -21.99 1.00
C ILE A 101 -7.75 -22.26 0.02
N VAL A 102 -8.50 -21.21 -0.34
CA VAL A 102 -9.64 -21.31 -1.25
C VAL A 102 -9.37 -20.60 -2.57
N ALA A 103 -9.82 -21.20 -3.68
CA ALA A 103 -9.77 -20.52 -4.97
C ALA A 103 -10.72 -19.29 -4.95
N LEU A 104 -10.25 -18.18 -5.50
CA LEU A 104 -11.06 -17.00 -5.63
C LEU A 104 -11.66 -16.88 -7.03
N GLY A 105 -12.72 -16.11 -7.15
CA GLY A 105 -13.35 -15.91 -8.44
C GLY A 105 -14.11 -14.62 -8.52
N GLU A 106 -15.02 -14.52 -9.50
CA GLU A 106 -15.69 -13.26 -9.78
C GLU A 106 -16.38 -12.68 -8.56
N THR A 107 -17.01 -13.53 -7.74
CA THR A 107 -17.74 -13.02 -6.59
C THR A 107 -16.83 -12.35 -5.55
N ASP A 108 -15.54 -12.70 -5.53
CA ASP A 108 -14.57 -12.15 -4.59
C ASP A 108 -13.94 -10.85 -5.03
N VAL A 109 -14.26 -10.40 -6.24
CA VAL A 109 -13.55 -9.27 -6.84
C VAL A 109 -13.63 -7.98 -6.02
N PRO A 110 -14.82 -7.60 -5.52
CA PRO A 110 -14.87 -6.41 -4.61
C PRO A 110 -13.90 -6.47 -3.43
N GLU A 111 -13.90 -7.61 -2.74
CA GLU A 111 -13.00 -7.80 -1.61
C GLU A 111 -11.54 -7.87 -1.99
N THR A 113 -10.27 -6.38 -4.65
CA THR A 113 -9.98 -4.99 -4.97
C THR A 113 -9.70 -4.12 -3.75
N ALA A 114 -10.50 -4.20 -2.71
CA ALA A 114 -10.26 -3.45 -1.49
C ALA A 114 -8.89 -3.79 -0.92
N LEU A 115 -8.63 -5.10 -0.80
CA LEU A 115 -7.32 -5.58 -0.25
C LEU A 115 -6.14 -5.07 -1.08
N ALA A 116 -6.21 -5.22 -2.40
CA ALA A 116 -5.17 -4.81 -3.27
C ALA A 116 -4.90 -3.30 -3.20
N LEU A 117 -5.94 -2.49 -3.22
CA LEU A 117 -5.76 -1.04 -3.20
C LEU A 117 -5.18 -0.54 -1.86
N ALA A 118 -5.43 -1.26 -0.76
CA ALA A 118 -4.97 -0.93 0.58
C ALA A 118 -3.54 -1.41 0.92
N THR A 119 -3.01 -2.36 0.16
CA THR A 119 -1.74 -3.01 0.52
C THR A 119 -0.79 -2.78 -0.63
N GLU A 120 0.25 -3.60 -0.75
CA GLU A 120 1.22 -3.43 -1.81
C GLU A 120 1.34 -4.73 -2.65
N PRO A 121 0.28 -5.05 -3.43
CA PRO A 121 0.26 -6.25 -4.30
C PRO A 121 0.94 -6.02 -5.65
N GLY A 122 1.44 -4.81 -5.86
CA GLY A 122 1.76 -4.35 -7.22
C GLY A 122 0.54 -3.70 -7.87
N PRO A 123 0.63 -3.42 -9.19
CA PRO A 123 -0.48 -2.78 -9.89
C PRO A 123 -1.75 -3.64 -9.74
N TRP A 124 -2.87 -2.98 -9.74
CA TRP A 124 -4.13 -3.67 -9.65
C TRP A 124 -5.12 -2.80 -10.40
N ALA A 125 -5.59 -3.32 -11.53
CA ALA A 125 -6.60 -2.67 -12.31
C ALA A 125 -7.88 -3.47 -12.21
N SER A 126 -8.94 -2.94 -12.83
CA SER A 126 -10.26 -3.56 -12.75
C SER A 126 -10.26 -5.04 -13.10
N GLY A 127 -9.44 -5.44 -14.08
CA GLY A 127 -9.46 -6.84 -14.56
C GLY A 127 -8.23 -7.69 -14.27
N THR A 128 -7.36 -7.19 -13.38
CA THR A 128 -6.12 -7.89 -13.01
C THR A 128 -6.42 -9.31 -12.46
N TRP A 129 -7.55 -9.49 -11.79
CA TRP A 129 -7.94 -10.80 -11.26
C TRP A 129 -8.11 -11.81 -12.36
N ARG A 130 -8.33 -11.35 -13.60
CA ARG A 130 -8.48 -12.30 -14.72
C ARG A 130 -7.16 -12.78 -15.30
N TYR A 131 -6.03 -12.29 -14.76
CA TYR A 131 -4.70 -12.57 -15.36
C TYR A 131 -4.38 -14.05 -15.22
N GLY A 132 -4.90 -14.66 -14.15
CA GLY A 132 -4.74 -16.09 -13.89
C GLY A 132 -5.41 -16.48 -12.59
N GLN A 133 -4.99 -17.61 -12.04
CA GLN A 133 -5.61 -18.14 -10.83
C GLN A 133 -5.21 -17.33 -9.62
N PHE A 134 -6.21 -17.02 -8.79
CA PHE A 134 -6.03 -16.43 -7.48
C PHE A 134 -6.55 -17.32 -6.37
N TYR A 135 -5.83 -17.30 -5.25
CA TYR A 135 -6.22 -18.01 -4.05
C TYR A 135 -6.29 -17.02 -2.90
N GLY A 136 -7.06 -17.40 -1.89
CA GLY A 136 -7.25 -16.54 -0.74
C GLY A 136 -7.33 -17.36 0.52
N VAL A 137 -7.26 -16.65 1.63
CA VAL A 137 -7.60 -17.20 2.93
CA VAL A 137 -7.57 -17.18 2.95
C VAL A 137 -8.61 -16.28 3.56
N ARG A 138 -9.63 -16.88 4.18
CA ARG A 138 -10.68 -16.13 4.88
C ARG A 138 -10.56 -16.34 6.37
N ILE A 139 -10.74 -15.25 7.11
CA ILE A 139 -10.66 -15.21 8.57
C ILE A 139 -11.84 -14.34 9.05
N ASP A 140 -12.67 -14.87 9.95
CA ASP A 140 -13.91 -14.20 10.44
C ASP A 140 -14.79 -13.79 9.27
N GLY A 141 -14.80 -14.63 8.24
CA GLY A 141 -15.53 -14.30 7.00
C GLY A 141 -14.95 -13.26 6.09
N ARG A 142 -13.85 -12.63 6.49
CA ARG A 142 -13.17 -11.64 5.67
C ARG A 142 -12.07 -12.28 4.82
N LEU A 143 -11.80 -11.69 3.66
CA LEU A 143 -10.66 -12.10 2.82
C LEU A 143 -9.40 -11.55 3.45
N ALA A 144 -8.64 -12.40 4.11
CA ALA A 144 -7.48 -11.97 4.89
C ALA A 144 -6.25 -11.64 4.03
N ALA A 145 -6.10 -12.39 2.94
CA ALA A 145 -4.86 -12.40 2.17
C ALA A 145 -5.16 -13.11 0.87
N ALA A 147 -3.12 -14.31 -3.22
CA ALA A 147 -1.99 -14.38 -4.15
C ALA A 147 -2.48 -14.98 -5.45
N GLY A 148 -1.77 -14.69 -6.52
CA GLY A 148 -2.19 -15.12 -7.82
C GLY A 148 -1.06 -15.31 -8.82
N GLU A 149 -1.49 -15.45 -10.05
CA GLU A 149 -0.65 -15.60 -11.22
C GLU A 149 -0.70 -14.37 -12.10
N ARG A 150 0.41 -14.07 -12.75
CA ARG A 150 0.43 -12.94 -13.69
C ARG A 150 1.11 -13.28 -15.01
N ARG A 152 3.31 -14.55 -18.27
CA ARG A 152 3.78 -15.84 -18.77
C ARG A 152 4.67 -15.60 -19.98
N PRO A 153 5.97 -15.33 -19.73
CA PRO A 153 6.93 -14.99 -20.79
C PRO A 153 7.22 -16.09 -21.83
N ALA A 154 6.96 -17.33 -21.46
CA ALA A 154 6.99 -18.49 -22.32
C ALA A 154 6.02 -19.54 -21.76
N PRO A 155 5.60 -20.52 -22.59
CA PRO A 155 4.63 -21.50 -22.11
C PRO A 155 4.98 -22.18 -20.77
N ASN A 156 6.26 -22.43 -20.50
CA ASN A 156 6.67 -23.11 -19.27
C ASN A 156 7.10 -22.18 -18.12
N LEU A 157 6.81 -20.88 -18.23
CA LEU A 157 7.13 -19.91 -17.17
C LEU A 157 5.86 -19.19 -16.72
N ALA A 158 5.74 -18.94 -15.41
CA ALA A 158 4.55 -18.31 -14.87
C ALA A 158 4.93 -17.48 -13.66
N GLU A 159 4.40 -16.25 -13.60
CA GLU A 159 4.73 -15.33 -12.54
C GLU A 159 3.81 -15.43 -11.33
N VAL A 160 4.40 -15.54 -10.15
CA VAL A 160 3.70 -15.31 -8.88
C VAL A 160 3.57 -13.82 -8.56
N SER A 161 2.33 -13.35 -8.34
CA SER A 161 2.02 -11.91 -8.17
C SER A 161 0.79 -11.70 -7.27
N GLY A 162 0.61 -10.46 -6.83
CA GLY A 162 -0.58 -10.08 -6.08
C GLY A 162 -0.62 -10.63 -4.67
N VAL A 163 0.56 -10.85 -4.07
CA VAL A 163 0.61 -11.43 -2.72
C VAL A 163 0.38 -10.30 -1.71
N CYS A 164 -0.75 -10.32 -1.02
N CYS A 164 -0.81 -10.29 -1.11
CA CYS A 164 -0.96 -9.26 -0.06
CA CYS A 164 -1.25 -9.19 -0.24
C CYS A 164 -1.92 -9.69 1.00
C CYS A 164 -1.89 -9.76 1.04
N THR A 165 -1.73 -9.07 2.17
CA THR A 165 -2.37 -9.46 3.42
C THR A 165 -2.78 -8.18 4.10
N TRP A 166 -4.01 -8.10 4.61
CA TRP A 166 -4.40 -6.92 5.42
C TRP A 166 -3.44 -6.87 6.60
N PRO A 167 -3.04 -5.67 7.03
CA PRO A 167 -2.18 -5.50 8.19
C PRO A 167 -2.64 -6.25 9.41
N GLU A 168 -3.94 -6.24 9.70
CA GLU A 168 -4.46 -6.92 10.86
C GLU A 168 -4.32 -8.46 10.84
N TYR A 169 -4.04 -9.04 9.67
CA TYR A 169 -3.79 -10.48 9.56
C TYR A 169 -2.34 -10.86 9.25
N ARG A 170 -1.44 -9.90 9.37
CA ARG A 170 -0.03 -10.14 9.11
C ARG A 170 0.62 -10.88 10.27
N GLY A 171 1.77 -11.48 9.98
CA GLY A 171 2.51 -12.22 10.98
C GLY A 171 1.89 -13.54 11.34
N ARG A 172 1.01 -14.08 10.48
CA ARG A 172 0.40 -15.41 10.72
C ARG A 172 0.78 -16.47 9.68
N GLY A 173 1.72 -16.16 8.80
CA GLY A 173 2.15 -17.13 7.79
C GLY A 173 1.26 -17.27 6.57
N LEU A 174 0.40 -16.30 6.35
CA LEU A 174 -0.59 -16.45 5.25
C LEU A 174 0.06 -16.37 3.90
N ALA A 175 0.94 -15.38 3.73
CA ALA A 175 1.63 -15.17 2.45
C ALA A 175 2.38 -16.41 1.98
N ALA A 176 3.13 -17.04 2.87
CA ALA A 176 3.86 -18.25 2.55
C ALA A 176 2.92 -19.36 2.08
N ARG A 177 1.85 -19.57 2.83
CA ARG A 177 0.88 -20.60 2.47
C ARG A 177 0.22 -20.34 1.12
N LEU A 178 -0.11 -19.09 0.82
CA LEU A 178 -0.69 -18.72 -0.48
C LEU A 178 0.29 -18.91 -1.65
N ILE A 179 1.54 -18.47 -1.46
CA ILE A 179 2.57 -18.74 -2.47
C ILE A 179 2.69 -20.26 -2.74
N ARG A 180 2.74 -21.06 -1.68
CA ARG A 180 2.76 -22.52 -1.85
C ARG A 180 1.63 -23.01 -2.74
N LYS A 181 0.43 -22.52 -2.51
CA LYS A 181 -0.72 -22.97 -3.30
C LYS A 181 -0.57 -22.56 -4.76
N VAL A 182 -0.22 -21.32 -4.99
CA VAL A 182 -0.03 -20.87 -6.37
C VAL A 182 1.03 -21.73 -7.15
N ILE A 183 2.19 -21.98 -6.53
CA ILE A 183 3.28 -22.71 -7.20
C ILE A 183 2.99 -24.21 -7.39
N ALA A 184 2.13 -24.77 -6.52
CA ALA A 184 1.64 -26.13 -6.67
C ALA A 184 0.85 -26.26 -7.98
N GLY A 185 0.04 -25.26 -8.29
CA GLY A 185 -0.78 -25.29 -9.51
C GLY A 185 0.11 -25.18 -10.74
N ALA A 187 3.31 -26.05 -10.85
CA ALA A 187 3.94 -27.37 -10.87
C ALA A 187 3.10 -28.43 -11.54
N ALA A 188 1.81 -28.51 -11.19
CA ALA A 188 0.89 -29.47 -11.73
C ALA A 188 0.86 -29.39 -13.27
N ARG A 189 0.96 -28.16 -13.79
CA ARG A 189 0.96 -27.91 -15.23
C ARG A 189 2.37 -27.98 -15.87
N GLY A 190 3.40 -28.27 -15.10
CA GLY A 190 4.75 -28.33 -15.65
C GLY A 190 5.37 -26.98 -15.96
N GLU A 191 4.94 -25.96 -15.24
CA GLU A 191 5.46 -24.63 -15.37
C GLU A 191 6.40 -24.33 -14.20
N VAL A 192 7.39 -23.52 -14.50
CA VAL A 192 8.36 -23.03 -13.57
C VAL A 192 7.91 -21.63 -13.04
N PRO A 193 7.70 -21.52 -11.72
CA PRO A 193 7.41 -20.24 -11.09
C PRO A 193 8.59 -19.31 -11.13
N TYR A 194 8.30 -18.03 -11.31
CA TYR A 194 9.26 -16.94 -11.09
C TYR A 194 8.55 -15.76 -10.47
N LEU A 195 9.31 -14.81 -9.94
CA LEU A 195 8.75 -13.61 -9.38
C LEU A 195 9.81 -12.55 -9.34
N HIS A 196 9.36 -11.33 -9.10
CA HIS A 196 10.26 -10.22 -8.82
C HIS A 196 10.02 -9.75 -7.41
N SER A 197 11.09 -9.42 -6.69
CA SER A 197 11.02 -8.67 -5.46
C SER A 197 11.68 -7.33 -5.69
N TYR A 198 11.33 -6.31 -4.91
CA TYR A 198 12.20 -5.16 -4.82
C TYR A 198 13.52 -5.67 -4.28
N ALA A 199 14.63 -5.17 -4.83
CA ALA A 199 15.97 -5.61 -4.39
C ALA A 199 16.18 -5.22 -2.94
N SER A 200 15.54 -4.14 -2.53
CA SER A 200 15.59 -3.64 -1.16
C SER A 200 14.91 -4.53 -0.11
N ASN A 201 14.04 -5.45 -0.52
CA ASN A 201 13.23 -6.18 0.43
C ASN A 201 13.91 -7.47 0.91
N ALA A 202 14.86 -7.28 1.82
CA ALA A 202 15.69 -8.36 2.38
C ALA A 202 14.81 -9.49 2.96
N SER A 203 13.80 -9.09 3.72
CA SER A 203 12.87 -10.00 4.34
C SER A 203 12.12 -10.89 3.34
N ALA A 204 11.54 -10.26 2.34
CA ALA A 204 10.79 -10.93 1.27
C ALA A 204 11.68 -11.90 0.52
N ILE A 205 12.88 -11.48 0.18
CA ILE A 205 13.85 -12.39 -0.51
C ILE A 205 14.14 -13.66 0.31
N ARG A 206 14.30 -13.51 1.63
CA ARG A 206 14.48 -14.65 2.51
C ARG A 206 13.26 -15.55 2.53
N LEU A 207 12.06 -14.96 2.48
CA LEU A 207 10.86 -15.73 2.47
C LEU A 207 10.82 -16.55 1.20
N TYR A 208 11.06 -15.87 0.08
CA TYR A 208 11.05 -16.56 -1.21
C TYR A 208 12.10 -17.65 -1.31
N GLU A 209 13.33 -17.38 -0.87
CA GLU A 209 14.35 -18.44 -0.75
C GLU A 209 13.84 -19.66 0.04
N SER A 210 13.10 -19.42 1.11
CA SER A 210 12.58 -20.52 1.94
CA SER A 210 12.57 -20.52 1.94
C SER A 210 11.45 -21.30 1.26
N LEU A 211 10.91 -20.74 0.19
CA LEU A 211 9.84 -21.35 -0.59
C LEU A 211 10.36 -21.92 -1.90
N GLY A 212 11.68 -22.01 -2.06
CA GLY A 212 12.23 -22.70 -3.24
C GLY A 212 12.71 -21.80 -4.36
N PHE A 213 12.61 -20.49 -4.17
CA PHE A 213 13.06 -19.53 -5.21
C PHE A 213 14.52 -19.21 -5.03
N ARG A 214 15.23 -19.10 -6.13
CA ARG A 214 16.63 -18.69 -6.08
C ARG A 214 16.78 -17.45 -6.94
N ALA A 215 17.77 -16.62 -6.61
CA ALA A 215 18.09 -15.43 -7.37
C ALA A 215 18.48 -15.82 -8.76
N ARG A 216 17.86 -15.20 -9.74
CA ARG A 216 18.22 -15.41 -11.12
C ARG A 216 19.06 -14.24 -11.63
N ARG A 217 18.51 -13.02 -11.57
CA ARG A 217 19.25 -11.85 -11.96
C ARG A 217 18.57 -10.59 -11.47
N ALA A 218 19.34 -9.52 -11.49
CA ALA A 218 18.80 -8.18 -11.25
C ALA A 218 18.02 -7.72 -12.46
N THR A 220 15.17 -4.13 -13.58
CA THR A 220 14.72 -2.79 -13.24
C THR A 220 13.31 -2.52 -13.76
N ALA A 221 12.45 -2.06 -12.85
CA ALA A 221 11.12 -1.55 -13.19
C ALA A 221 11.23 -0.04 -13.37
N THR A 222 10.84 0.44 -14.55
CA THR A 222 10.77 1.89 -14.84
C THR A 222 9.31 2.34 -15.04
N LEU A 223 8.93 3.42 -14.36
CA LEU A 223 7.63 4.07 -14.51
C LEU A 223 7.81 5.37 -15.28
N LEU A 224 7.23 5.39 -16.48
CA LEU A 224 7.23 6.57 -17.33
C LEU A 224 5.85 7.21 -17.35
N GLY A 225 5.88 8.55 -17.23
CA GLY A 225 4.74 9.44 -17.49
C GLY A 225 5.00 10.40 -18.65
N LYS A 226 4.03 11.27 -18.92
CA LYS A 226 4.19 12.32 -19.94
C LYS A 226 5.13 13.38 -19.44
N SER A 227 5.98 13.92 -20.31
CA SER A 227 6.83 15.02 -19.94
C SER A 227 5.94 16.20 -19.62
N THR A 228 6.41 17.03 -18.69
CA THR A 228 5.74 18.27 -18.40
C THR A 228 6.32 19.35 -19.33
N ASP B 5 -11.01 10.45 31.98
CA ASP B 5 -10.48 9.80 30.74
C ASP B 5 -9.43 10.69 30.04
N HIS B 6 -8.50 10.05 29.34
CA HIS B 6 -7.42 10.76 28.63
C HIS B 6 -7.97 11.22 27.25
N PRO B 7 -7.47 12.36 26.73
CA PRO B 7 -7.85 12.77 25.37
C PRO B 7 -7.56 11.70 24.28
N LEU B 8 -6.55 10.86 24.49
CA LEU B 8 -6.17 9.85 23.49
C LEU B 8 -7.09 8.65 23.53
N ASP B 9 -7.93 8.57 24.56
CA ASP B 9 -8.90 7.50 24.60
C ASP B 9 -9.93 7.57 23.48
N ARG B 10 -10.20 8.77 22.96
CA ARG B 10 -11.16 8.96 21.88
C ARG B 10 -10.60 10.02 20.92
N PRO B 11 -9.56 9.65 20.15
CA PRO B 11 -8.83 10.64 19.40
C PRO B 11 -9.58 11.35 18.29
N VAL B 12 -10.48 10.63 17.64
CA VAL B 12 -11.29 11.22 16.58
C VAL B 12 -12.32 12.17 17.22
N TRP B 13 -13.12 11.66 18.15
CA TRP B 13 -14.08 12.47 18.89
C TRP B 13 -13.45 13.75 19.47
N ASN B 14 -12.37 13.60 20.23
CA ASN B 14 -11.75 14.74 20.92
C ASN B 14 -11.04 15.74 20.01
N SER B 15 -10.44 15.27 18.92
CA SER B 15 -9.80 16.18 17.97
C SER B 15 -10.84 17.00 17.20
N LEU B 16 -11.92 16.37 16.79
CA LEU B 16 -12.94 17.05 16.00
C LEU B 16 -13.77 17.96 16.87
N GLY B 17 -13.79 17.69 18.17
CA GLY B 17 -14.50 18.55 19.10
C GLY B 17 -13.68 19.67 19.69
N GLY B 18 -12.36 19.62 19.53
CA GLY B 18 -11.44 20.57 20.16
C GLY B 18 -10.50 21.24 19.17
N PRO B 19 -9.20 20.89 19.21
CA PRO B 19 -8.23 21.57 18.38
C PRO B 19 -8.55 21.56 16.88
N GLN B 20 -9.21 20.54 16.36
CA GLN B 20 -9.52 20.53 14.92
C GLN B 20 -11.03 20.51 14.66
N SER B 21 -11.77 21.24 15.48
CA SER B 21 -13.20 21.41 15.30
C SER B 21 -13.52 22.04 13.91
N GLU B 22 -12.60 22.82 13.33
CA GLU B 22 -12.77 23.36 11.97
C GLU B 22 -12.91 22.29 10.86
N LEU B 23 -12.47 21.07 11.15
CA LEU B 23 -12.54 19.97 10.17
C LEU B 23 -13.78 19.07 10.33
N ASP B 24 -14.61 19.34 11.33
CA ASP B 24 -15.84 18.58 11.56
C ASP B 24 -16.91 19.07 10.58
N VAL B 25 -17.50 18.16 9.80
CA VAL B 25 -18.55 18.53 8.85
C VAL B 25 -19.92 18.01 9.29
N ALA B 26 -19.99 17.41 10.47
CA ALA B 26 -21.23 16.85 11.00
C ALA B 26 -21.79 17.81 12.06
N SER B 27 -22.75 17.35 12.85
CA SER B 27 -23.44 18.24 13.78
C SER B 27 -23.92 17.46 14.97
N GLY B 28 -24.24 18.18 16.04
CA GLY B 28 -24.83 17.60 17.24
C GLY B 28 -23.92 16.61 17.89
N ASN B 29 -24.40 15.38 18.02
CA ASN B 29 -23.63 14.36 18.71
C ASN B 29 -22.90 13.38 17.79
N LEU B 30 -22.77 13.75 16.52
CA LEU B 30 -21.91 13.06 15.58
C LEU B 30 -20.82 14.01 15.10
N ARG B 31 -19.62 13.47 14.98
CA ARG B 31 -18.46 14.23 14.51
C ARG B 31 -17.86 13.47 13.34
N ARG B 32 -17.68 14.14 12.22
CA ARG B 32 -17.20 13.51 10.98
C ARG B 32 -16.13 14.39 10.36
N LEU B 33 -14.96 13.79 10.08
CA LEU B 33 -13.90 14.53 9.40
C LEU B 33 -14.32 14.98 7.97
N ASP B 34 -13.93 16.16 7.56
CA ASP B 34 -14.15 16.61 6.20
C ASP B 34 -13.49 15.53 5.31
N PRO B 35 -14.24 14.94 4.37
CA PRO B 35 -13.73 13.75 3.65
C PRO B 35 -12.52 14.01 2.74
N ALA B 36 -12.27 15.28 2.41
CA ALA B 36 -11.03 15.72 1.79
C ALA B 36 -9.81 15.42 2.63
N TYR B 37 -9.99 15.43 3.96
CA TYR B 37 -8.94 15.09 4.91
C TYR B 37 -8.91 13.63 5.27
N GLY B 38 -10.05 12.99 5.38
CA GLY B 38 -10.05 11.54 5.71
C GLY B 38 -11.42 11.02 6.04
N PRO B 39 -11.53 9.71 6.30
CA PRO B 39 -12.79 8.99 6.52
C PRO B 39 -13.24 8.83 7.99
N PHE B 40 -12.58 9.52 8.92
CA PHE B 40 -12.81 9.33 10.36
C PHE B 40 -14.15 9.94 10.88
N ALA B 41 -14.79 9.20 11.79
CA ALA B 41 -16.01 9.69 12.46
C ALA B 41 -16.06 9.17 13.89
N ALA B 42 -16.91 9.79 14.69
CA ALA B 42 -17.11 9.41 16.06
C ALA B 42 -18.50 9.88 16.55
N ALA B 43 -19.09 9.12 17.47
CA ALA B 43 -20.42 9.39 18.05
C ALA B 43 -20.29 9.68 19.54
N ALA B 44 -21.16 10.51 20.09
CA ALA B 44 -21.15 10.72 21.53
C ALA B 44 -21.55 9.38 22.17
N PRO B 45 -21.17 9.17 23.43
CA PRO B 45 -21.67 7.99 24.12
C PRO B 45 -23.21 7.97 24.07
N GLY B 46 -23.78 6.87 23.65
CA GLY B 46 -25.23 6.77 23.49
C GLY B 46 -25.78 7.18 22.14
N ALA B 47 -24.96 7.79 21.27
CA ALA B 47 -25.43 8.32 19.97
C ALA B 47 -25.03 7.44 18.78
N GLU B 48 -24.60 6.21 19.08
CA GLU B 48 -24.03 5.30 18.08
C GLU B 48 -25.04 4.99 16.96
N ALA B 49 -26.32 4.99 17.30
CA ALA B 49 -27.38 4.77 16.30
C ALA B 49 -27.27 5.79 15.15
N GLY B 50 -26.83 7.00 15.47
CA GLY B 50 -26.68 8.05 14.48
C GLY B 50 -25.62 7.86 13.42
N LEU B 51 -24.72 6.90 13.62
CA LEU B 51 -23.58 6.69 12.70
C LEU B 51 -24.04 6.32 11.29
N ALA B 52 -25.13 5.55 11.24
CA ALA B 52 -25.76 5.17 9.98
C ALA B 52 -26.08 6.38 9.12
N SER B 53 -26.50 7.47 9.77
CA SER B 53 -26.87 8.67 9.04
C SER B 53 -25.70 9.36 8.36
N LEU B 54 -24.47 9.04 8.79
CA LEU B 54 -23.26 9.56 8.16
C LEU B 54 -22.94 8.88 6.86
N LEU B 55 -23.53 7.72 6.62
CA LEU B 55 -23.22 6.96 5.42
C LEU B 55 -24.15 7.44 4.29
N GLN B 56 -23.68 8.43 3.55
CA GLN B 56 -24.40 8.99 2.41
C GLN B 56 -24.17 8.17 1.11
N GLY B 57 -24.74 6.95 1.05
CA GLY B 57 -24.66 6.12 -0.18
C GLY B 57 -24.09 4.71 -0.05
N ASP B 58 -24.24 3.96 -1.14
CA ASP B 58 -23.94 2.52 -1.23
C ASP B 58 -22.51 2.16 -0.84
N ALA B 59 -21.55 2.94 -1.33
CA ALA B 59 -20.14 2.64 -1.13
C ALA B 59 -19.51 3.51 -0.05
N ASP B 60 -20.31 4.28 0.70
CA ASP B 60 -19.75 5.15 1.75
CA ASP B 60 -19.79 5.14 1.76
C ASP B 60 -19.30 4.32 2.96
N GLU B 61 -18.20 4.77 3.57
CA GLU B 61 -17.67 4.10 4.75
C GLU B 61 -17.02 5.13 5.69
N ILE B 62 -16.95 4.78 6.96
CA ILE B 62 -16.28 5.65 7.95
C ILE B 62 -15.39 4.76 8.83
N TRP B 63 -14.25 5.32 9.19
CA TRP B 63 -13.33 4.71 10.15
C TRP B 63 -13.54 5.32 11.54
N LEU B 64 -13.66 4.47 12.54
CA LEU B 64 -13.77 4.88 13.94
C LEU B 64 -12.50 4.38 14.67
N VAL B 65 -11.93 5.20 15.54
CA VAL B 65 -10.79 4.83 16.34
C VAL B 65 -11.21 5.00 17.82
N GLU B 66 -11.38 3.85 18.50
CA GLU B 66 -12.00 3.79 19.82
C GLU B 66 -11.35 2.66 20.65
N PRO B 67 -11.52 2.71 21.97
CA PRO B 67 -10.84 1.63 22.71
C PRO B 67 -11.25 0.24 22.24
N GLU B 68 -12.51 0.08 21.87
CA GLU B 68 -13.07 -1.22 21.54
C GLU B 68 -13.63 -1.22 20.12
N PRO B 69 -13.77 -2.42 19.52
CA PRO B 69 -14.51 -2.51 18.27
C PRO B 69 -15.88 -1.89 18.41
N VAL B 70 -16.35 -1.21 17.39
CA VAL B 70 -17.68 -0.59 17.45
C VAL B 70 -18.67 -1.57 16.82
N ALA B 71 -19.64 -2.02 17.60
CA ALA B 71 -20.74 -2.81 17.08
C ALA B 71 -21.47 -2.01 16.03
N PRO B 72 -21.84 -2.67 14.91
CA PRO B 72 -22.49 -1.92 13.83
C PRO B 72 -23.92 -1.59 14.18
N PRO B 73 -24.22 -0.30 14.30
CA PRO B 73 -25.64 -0.01 14.51
C PRO B 73 -26.49 -0.38 13.28
N PRO B 74 -27.81 -0.43 13.44
CA PRO B 74 -28.73 -0.73 12.36
C PRO B 74 -28.43 0.10 11.15
N GLY B 75 -28.43 -0.56 9.99
CA GLY B 75 -28.09 0.08 8.75
C GLY B 75 -26.61 0.09 8.42
N THR B 76 -25.77 -0.48 9.29
CA THR B 76 -24.34 -0.57 9.03
C THR B 76 -23.84 -2.02 9.10
N ARG B 77 -22.67 -2.24 8.52
CA ARG B 77 -21.92 -3.48 8.63
C ARG B 77 -20.47 -3.19 8.94
N VAL B 78 -19.81 -4.12 9.62
CA VAL B 78 -18.36 -4.01 9.86
C VAL B 78 -17.62 -4.59 8.67
N ILE B 79 -16.90 -3.75 7.94
CA ILE B 79 -16.08 -4.17 6.79
C ILE B 79 -14.73 -4.75 7.30
N ARG B 80 -14.02 -3.96 8.09
CA ARG B 80 -12.80 -4.38 8.77
C ARG B 80 -12.77 -4.00 10.25
N VAL B 81 -12.05 -4.79 11.05
CA VAL B 81 -11.69 -4.45 12.40
C VAL B 81 -10.19 -4.72 12.59
N ALA B 82 -9.48 -3.73 13.10
CA ALA B 82 -8.01 -3.74 13.10
C ALA B 82 -7.52 -3.36 14.49
N PRO B 83 -6.92 -4.31 15.19
CA PRO B 83 -6.30 -3.99 16.47
C PRO B 83 -5.11 -3.08 16.30
N LEU B 84 -5.05 -2.06 17.14
CA LEU B 84 -4.02 -1.02 17.10
C LEU B 84 -3.26 -1.01 18.43
N LEU B 85 -2.00 -0.60 18.39
CA LEU B 85 -1.29 -0.21 19.60
C LEU B 85 -1.11 1.30 19.58
N GLN B 86 -1.58 1.98 20.63
CA GLN B 86 -1.39 3.43 20.72
C GLN B 86 -0.12 3.67 21.50
N ILE B 88 2.92 6.70 22.84
CA ILE B 88 3.12 8.10 23.21
C ILE B 88 4.60 8.38 23.49
N ALA B 89 5.07 9.57 23.09
CA ALA B 89 6.45 9.98 23.32
C ALA B 89 6.42 11.07 24.36
N ASP B 90 6.22 10.68 25.61
CA ASP B 90 6.04 11.67 26.67
C ASP B 90 7.27 12.01 27.51
N GLY B 91 8.43 11.58 27.06
CA GLY B 91 9.67 11.97 27.73
C GLY B 91 10.23 13.13 26.94
N PRO B 92 11.43 13.58 27.30
CA PRO B 92 12.05 14.67 26.59
C PRO B 92 12.37 14.30 25.16
N VAL B 93 11.85 15.10 24.24
CA VAL B 93 12.09 14.85 22.82
C VAL B 93 13.19 15.77 22.33
N PRO B 94 14.27 15.19 21.79
CA PRO B 94 15.40 15.99 21.38
C PRO B 94 15.12 16.82 20.13
N SER B 95 15.88 17.90 19.96
CA SER B 95 15.85 18.64 18.71
C SER B 95 16.44 17.73 17.62
N PHE B 96 16.17 18.07 16.37
CA PHE B 96 16.73 17.32 15.26
C PHE B 96 16.84 18.23 14.06
N ASP B 97 18.04 18.36 13.52
CA ASP B 97 18.29 19.14 12.31
C ASP B 97 18.96 18.18 11.32
N ASP B 98 18.48 18.13 10.10
CA ASP B 98 19.02 17.21 9.12
C ASP B 98 18.85 17.90 7.78
N PRO B 99 19.97 18.33 7.17
CA PRO B 99 19.87 19.11 5.92
C PRO B 99 19.26 18.34 4.72
N GLY B 100 19.23 17.02 4.83
CA GLY B 100 18.64 16.17 3.81
C GLY B 100 17.12 16.10 3.91
N ILE B 101 16.55 16.61 4.99
CA ILE B 101 15.11 16.64 5.12
C ILE B 101 14.57 17.99 4.72
N VAL B 102 13.51 17.96 3.93
CA VAL B 102 12.88 19.16 3.46
C VAL B 102 11.42 19.24 3.96
N ALA B 103 11.02 20.47 4.32
CA ALA B 103 9.63 20.76 4.65
C ALA B 103 8.84 20.68 3.35
N LEU B 104 7.79 19.87 3.33
CA LEU B 104 6.99 19.73 2.13
C LEU B 104 5.95 20.83 2.04
N GLY B 105 5.65 21.25 0.81
CA GLY B 105 4.75 22.36 0.55
C GLY B 105 3.76 22.01 -0.55
N GLU B 106 3.02 22.99 -1.03
CA GLU B 106 2.01 22.71 -2.05
C GLU B 106 2.49 22.11 -3.37
N THR B 107 3.71 22.45 -3.77
CA THR B 107 4.29 21.90 -4.99
C THR B 107 4.62 20.41 -4.90
N ASP B 108 4.74 19.90 -3.69
CA ASP B 108 5.01 18.48 -3.42
C ASP B 108 3.77 17.60 -3.45
N VAL B 109 2.60 18.22 -3.53
CA VAL B 109 1.34 17.50 -3.26
C VAL B 109 1.12 16.33 -4.23
N PRO B 110 1.35 16.55 -5.55
CA PRO B 110 1.22 15.40 -6.47
C PRO B 110 2.14 14.21 -6.12
N GLU B 111 3.38 14.47 -5.76
CA GLU B 111 4.27 13.37 -5.37
C GLU B 111 3.88 12.76 -4.02
N THR B 113 0.79 12.58 -2.87
CA THR B 113 -0.38 11.78 -3.22
C THR B 113 -0.04 10.42 -3.81
N ALA B 114 0.87 10.40 -4.76
CA ALA B 114 1.31 9.14 -5.37
C ALA B 114 1.95 8.21 -4.34
N LEU B 115 2.81 8.77 -3.51
CA LEU B 115 3.49 8.01 -2.47
C LEU B 115 2.50 7.42 -1.46
N ALA B 116 1.59 8.26 -0.97
CA ALA B 116 0.60 7.81 -0.02
C ALA B 116 -0.28 6.70 -0.61
N LEU B 117 -0.68 6.86 -1.88
N LEU B 117 -0.70 6.82 -1.86
CA LEU B 117 -1.57 5.92 -2.62
CA LEU B 117 -1.68 5.86 -2.39
C LEU B 117 -0.96 4.54 -2.64
C LEU B 117 -1.02 4.55 -2.91
N ALA B 118 0.32 4.50 -2.97
CA ALA B 118 1.03 3.26 -3.29
C ALA B 118 1.53 2.51 -2.06
N THR B 119 1.53 3.15 -0.90
CA THR B 119 2.12 2.57 0.29
C THR B 119 1.02 2.44 1.32
N GLU B 120 1.34 2.41 2.61
CA GLU B 120 0.31 2.14 3.62
C GLU B 120 0.32 3.21 4.75
N PRO B 121 -0.19 4.42 4.44
CA PRO B 121 -0.14 5.59 5.33
C PRO B 121 -1.30 5.65 6.34
N PRO B 123 -5.42 5.78 5.93
CA PRO B 123 -6.42 6.36 5.04
C PRO B 123 -5.90 7.70 4.61
N TRP B 124 -5.90 7.94 3.31
CA TRP B 124 -5.34 9.16 2.73
C TRP B 124 -6.31 9.63 1.69
N ALA B 125 -6.80 10.84 1.88
CA ALA B 125 -7.71 11.48 0.94
C ALA B 125 -6.95 12.55 0.22
N SER B 126 -7.59 13.11 -0.79
CA SER B 126 -6.95 14.11 -1.67
C SER B 126 -6.28 15.25 -0.91
N GLY B 127 -6.85 15.65 0.23
CA GLY B 127 -6.36 16.82 0.97
C GLY B 127 -5.76 16.50 2.32
N THR B 128 -5.36 15.26 2.52
CA THR B 128 -4.76 14.80 3.79
C THR B 128 -3.45 15.54 4.11
N TRP B 129 -2.75 16.00 3.06
CA TRP B 129 -1.62 16.89 3.24
C TRP B 129 -1.91 18.22 3.97
N ARG B 130 -3.16 18.63 4.05
CA ARG B 130 -3.56 19.88 4.69
C ARG B 130 -3.65 19.70 6.24
N TYR B 131 -3.57 18.45 6.68
CA TYR B 131 -3.85 18.10 8.06
C TYR B 131 -2.78 18.70 8.97
N GLY B 132 -1.55 18.87 8.45
CA GLY B 132 -0.46 19.42 9.25
C GLY B 132 0.86 19.45 8.51
N GLN B 133 1.95 19.65 9.24
CA GLN B 133 3.26 19.75 8.62
C GLN B 133 3.74 18.37 8.14
N PHE B 134 4.20 18.31 6.90
CA PHE B 134 4.91 17.17 6.39
C PHE B 134 6.36 17.51 6.06
N TYR B 135 7.20 16.49 6.24
CA TYR B 135 8.60 16.55 5.83
C TYR B 135 8.91 15.42 4.84
N GLY B 136 9.93 15.63 4.00
CA GLY B 136 10.34 14.67 2.98
C GLY B 136 11.85 14.59 2.81
N VAL B 137 12.28 13.52 2.14
CA VAL B 137 13.66 13.31 1.69
C VAL B 137 13.54 13.05 0.20
N ARG B 138 14.34 13.79 -0.56
CA ARG B 138 14.41 13.58 -2.02
C ARG B 138 15.68 12.80 -2.39
N ILE B 139 15.49 11.84 -3.30
CA ILE B 139 16.59 11.09 -3.86
C ILE B 139 16.41 11.11 -5.37
N ASP B 140 17.47 11.44 -6.11
CA ASP B 140 17.39 11.50 -7.57
C ASP B 140 16.25 12.44 -8.04
N GLY B 141 16.01 13.52 -7.28
CA GLY B 141 14.97 14.47 -7.64
C GLY B 141 13.56 14.07 -7.29
N ARG B 142 13.39 12.86 -6.79
CA ARG B 142 12.08 12.27 -6.47
C ARG B 142 11.87 12.31 -4.96
N LEU B 143 10.63 12.41 -4.52
CA LEU B 143 10.27 12.27 -3.12
C LEU B 143 10.38 10.78 -2.74
N ALA B 144 11.38 10.44 -1.93
CA ALA B 144 11.69 9.05 -1.58
C ALA B 144 10.83 8.56 -0.41
N ALA B 145 10.55 9.47 0.50
CA ALA B 145 9.91 9.20 1.80
C ALA B 145 9.35 10.48 2.39
N ALA B 147 6.89 12.00 6.12
CA ALA B 147 6.23 11.81 7.41
C ALA B 147 5.60 13.12 7.80
N GLY B 148 4.54 13.04 8.58
CA GLY B 148 3.84 14.27 8.95
C GLY B 148 2.96 14.13 10.16
N GLU B 149 1.94 14.98 10.21
CA GLU B 149 1.12 15.22 11.38
C GLU B 149 -0.32 15.01 10.98
N ARG B 150 -1.12 14.52 11.92
CA ARG B 150 -2.53 14.33 11.66
C ARG B 150 -3.39 14.84 12.85
N ARG B 152 -5.10 15.98 16.42
CA ARG B 152 -4.73 16.67 17.66
C ARG B 152 -5.90 16.56 18.63
N PRO B 153 -5.92 15.48 19.44
CA PRO B 153 -7.00 15.26 20.41
C PRO B 153 -7.06 16.26 21.58
N ALA B 154 -5.98 17.02 21.78
CA ALA B 154 -5.92 18.11 22.77
C ALA B 154 -4.84 19.03 22.30
N PRO B 155 -4.81 20.26 22.81
CA PRO B 155 -3.80 21.22 22.33
C PRO B 155 -2.34 20.75 22.44
N ASN B 156 -2.03 19.94 23.45
CA ASN B 156 -0.64 19.51 23.69
C ASN B 156 -0.34 18.12 23.13
N LEU B 157 -1.23 17.61 22.30
CA LEU B 157 -1.02 16.28 21.71
C LEU B 157 -1.11 16.35 20.19
N ALA B 158 -0.20 15.67 19.51
CA ALA B 158 -0.23 15.64 18.06
C ALA B 158 0.21 14.28 17.49
N GLU B 159 -0.49 13.83 16.46
CA GLU B 159 -0.33 12.50 15.86
C GLU B 159 0.72 12.45 14.76
N VAL B 160 1.69 11.56 14.92
CA VAL B 160 2.63 11.27 13.88
C VAL B 160 1.91 10.34 12.89
N SER B 161 1.95 10.69 11.62
CA SER B 161 1.15 9.95 10.64
C SER B 161 1.73 10.09 9.24
N GLY B 162 1.26 9.22 8.32
CA GLY B 162 1.67 9.34 6.91
C GLY B 162 3.15 9.04 6.75
N VAL B 163 3.68 8.12 7.55
CA VAL B 163 5.10 7.70 7.38
C VAL B 163 5.25 6.70 6.24
N CYS B 164 5.70 7.19 5.10
CA CYS B 164 5.65 6.41 3.87
C CYS B 164 7.03 6.48 3.18
N THR B 165 7.49 5.34 2.67
CA THR B 165 8.74 5.26 1.88
C THR B 165 8.48 4.40 0.65
N TRP B 166 8.89 4.84 -0.54
CA TRP B 166 8.74 3.97 -1.72
C TRP B 166 9.56 2.67 -1.49
N PRO B 167 9.07 1.49 -1.95
CA PRO B 167 9.86 0.26 -1.66
C PRO B 167 11.33 0.33 -2.06
N GLU B 168 11.60 0.86 -3.23
CA GLU B 168 12.98 0.96 -3.73
C GLU B 168 13.89 1.83 -2.83
N TYR B 169 13.31 2.61 -1.93
CA TYR B 169 14.11 3.43 -1.02
C TYR B 169 14.08 2.97 0.44
N ARG B 170 13.47 1.82 0.71
CA ARG B 170 13.38 1.27 2.05
C ARG B 170 14.72 0.69 2.49
N GLY B 171 14.91 0.58 3.80
CA GLY B 171 16.14 0.03 4.35
C GLY B 171 17.30 1.01 4.35
N ARG B 172 17.02 2.29 4.18
CA ARG B 172 18.07 3.31 4.17
C ARG B 172 18.04 4.23 5.38
N GLY B 173 17.12 4.01 6.31
CA GLY B 173 16.98 4.84 7.50
C GLY B 173 16.15 6.13 7.35
N LEU B 174 15.40 6.23 6.26
CA LEU B 174 14.70 7.49 5.95
C LEU B 174 13.55 7.73 6.93
N ALA B 175 12.75 6.70 7.16
CA ALA B 175 11.62 6.79 8.06
C ALA B 175 12.06 7.29 9.43
N ALA B 176 13.13 6.72 9.99
CA ALA B 176 13.63 7.14 11.30
C ALA B 176 14.00 8.62 11.27
N ARG B 177 14.69 9.07 10.23
CA ARG B 177 15.08 10.44 10.20
C ARG B 177 13.86 11.36 10.17
N LEU B 178 12.90 11.00 9.30
CA LEU B 178 11.69 11.77 9.13
C LEU B 178 10.88 11.83 10.41
N ILE B 179 10.73 10.71 11.10
CA ILE B 179 10.00 10.72 12.36
C ILE B 179 10.69 11.63 13.40
N ARG B 180 12.01 11.57 13.48
CA ARG B 180 12.76 12.40 14.41
C ARG B 180 12.54 13.87 14.09
N LYS B 181 12.40 14.22 12.81
CA LYS B 181 12.15 15.63 12.47
C LYS B 181 10.74 16.08 12.85
N VAL B 182 9.77 15.23 12.54
CA VAL B 182 8.40 15.51 12.94
C VAL B 182 8.28 15.75 14.45
N ILE B 183 8.79 14.82 15.25
CA ILE B 183 8.60 14.93 16.69
C ILE B 183 9.41 16.08 17.26
N ALA B 184 10.57 16.42 16.68
CA ALA B 184 11.30 17.61 17.11
C ALA B 184 10.39 18.83 16.92
N GLY B 185 9.71 18.86 15.77
CA GLY B 185 8.82 19.96 15.42
C GLY B 185 7.65 20.10 16.34
N ALA B 187 7.69 18.98 19.52
CA ALA B 187 8.29 19.33 20.80
C ALA B 187 8.63 20.83 20.84
N ALA B 188 9.01 21.39 19.72
CA ALA B 188 9.32 22.83 19.63
C ALA B 188 8.08 23.72 19.76
N ARG B 189 6.89 23.11 19.61
CA ARG B 189 5.62 23.75 19.88
C ARG B 189 5.04 23.34 21.21
N GLY B 190 5.80 22.56 21.97
CA GLY B 190 5.39 22.09 23.28
C GLY B 190 4.35 20.98 23.26
N GLU B 191 4.30 20.25 22.16
CA GLU B 191 3.35 19.16 22.00
C GLU B 191 4.00 17.81 22.27
N VAL B 192 3.18 16.87 22.72
CA VAL B 192 3.59 15.53 23.01
C VAL B 192 3.16 14.68 21.82
N PRO B 193 4.13 14.05 21.12
CA PRO B 193 3.74 13.16 20.02
C PRO B 193 3.02 11.87 20.46
N TYR B 194 2.09 11.41 19.64
CA TYR B 194 1.53 10.10 19.83
C TYR B 194 1.31 9.50 18.44
N LEU B 195 1.03 8.21 18.43
CA LEU B 195 0.69 7.55 17.17
C LEU B 195 -0.10 6.24 17.40
N HIS B 196 -0.65 5.70 16.32
CA HIS B 196 -1.18 4.34 16.29
C HIS B 196 -0.39 3.51 15.29
N SER B 197 -0.08 2.27 15.69
CA SER B 197 0.45 1.31 14.79
C SER B 197 -0.57 0.19 14.78
N TYR B 198 -0.69 -0.51 13.66
CA TYR B 198 -1.34 -1.80 13.68
C TYR B 198 -0.60 -2.65 14.69
N ALA B 199 -1.36 -3.35 15.52
CA ALA B 199 -0.74 -4.19 16.57
C ALA B 199 0.19 -5.26 16.01
N SER B 200 -0.10 -5.70 14.78
CA SER B 200 0.72 -6.70 14.08
C SER B 200 2.04 -6.18 13.54
N ASN B 201 2.24 -4.87 13.51
CA ASN B 201 3.41 -4.31 12.84
C ASN B 201 4.60 -4.23 13.78
N ALA B 202 5.14 -5.40 14.10
CA ALA B 202 6.24 -5.53 15.06
C ALA B 202 7.43 -4.63 14.75
N SER B 203 7.80 -4.52 13.47
CA SER B 203 8.92 -3.74 13.03
C SER B 203 8.73 -2.25 13.28
N ALA B 204 7.55 -1.73 12.97
CA ALA B 204 7.29 -0.32 13.21
C ALA B 204 7.30 0.00 14.73
N ILE B 205 6.69 -0.87 15.50
CA ILE B 205 6.60 -0.69 16.95
C ILE B 205 8.01 -0.67 17.54
N ARG B 206 8.86 -1.59 17.12
CA ARG B 206 10.27 -1.58 17.55
C ARG B 206 10.97 -0.25 17.19
N LEU B 207 10.68 0.28 16.00
CA LEU B 207 11.30 1.55 15.57
C LEU B 207 10.80 2.67 16.44
N TYR B 208 9.48 2.78 16.62
CA TYR B 208 8.95 3.89 17.44
C TYR B 208 9.47 3.82 18.89
N GLU B 209 9.52 2.63 19.47
CA GLU B 209 10.19 2.44 20.79
C GLU B 209 11.61 3.02 20.81
N SER B 210 12.38 2.79 19.74
CA SER B 210 13.76 3.26 19.72
CA SER B 210 13.77 3.27 19.63
C SER B 210 13.85 4.77 19.61
N LEU B 211 12.81 5.37 19.04
CA LEU B 211 12.71 6.81 18.94
C LEU B 211 11.98 7.51 20.09
N GLY B 212 11.66 6.78 21.15
CA GLY B 212 11.18 7.32 22.41
C GLY B 212 9.70 7.12 22.66
N PHE B 213 8.99 6.41 21.79
CA PHE B 213 7.60 6.09 22.03
C PHE B 213 7.46 4.91 22.99
N ARG B 214 6.44 4.95 23.81
CA ARG B 214 6.13 3.83 24.67
C ARG B 214 4.69 3.40 24.42
N ALA B 215 4.41 2.14 24.69
CA ALA B 215 3.05 1.63 24.53
C ALA B 215 2.16 2.31 25.55
N ARG B 216 1.05 2.90 25.10
CA ARG B 216 0.11 3.53 26.03
C ARG B 216 -1.05 2.62 26.32
N ARG B 217 -1.71 2.20 25.24
CA ARG B 217 -2.86 1.32 25.36
C ARG B 217 -3.18 0.69 24.00
N ALA B 218 -3.96 -0.38 24.06
CA ALA B 218 -4.55 -1.00 22.91
C ALA B 218 -5.73 -0.17 22.46
N THR B 220 -8.80 0.09 18.92
CA THR B 220 -9.30 -0.61 17.76
C THR B 220 -9.78 0.36 16.68
N ALA B 221 -9.41 0.09 15.43
CA ALA B 221 -9.99 0.76 14.30
C ALA B 221 -11.08 -0.14 13.70
N THR B 222 -12.30 0.42 13.59
CA THR B 222 -13.46 -0.24 12.99
C THR B 222 -13.86 0.52 11.72
N LEU B 223 -13.95 -0.18 10.60
CA LEU B 223 -14.46 0.39 9.36
C LEU B 223 -15.91 -0.09 9.18
N LEU B 224 -16.83 0.88 9.13
CA LEU B 224 -18.26 0.61 8.97
C LEU B 224 -18.66 1.06 7.59
N GLY B 225 -19.53 0.27 6.98
CA GLY B 225 -20.19 0.61 5.73
C GLY B 225 -21.68 0.44 5.91
N LYS B 226 -22.39 0.64 4.82
CA LYS B 226 -23.83 0.50 4.76
C LYS B 226 -24.17 -1.00 4.78
N SER B 227 -25.20 -1.38 5.54
CA SER B 227 -25.60 -2.79 5.58
C SER B 227 -26.06 -3.20 4.18
N THR B 228 -25.75 -4.44 3.85
CA THR B 228 -25.87 -4.95 2.49
C THR B 228 -27.31 -5.40 2.27
#